data_4QXS
#
_entry.id   4QXS
#
_cell.length_a   110.650
_cell.length_b   110.650
_cell.length_c   77.920
_cell.angle_alpha   90.00
_cell.angle_beta   90.00
_cell.angle_gamma   90.00
#
_symmetry.space_group_name_H-M   'P 41 21 2'
#
loop_
_entity.id
_entity.type
_entity.pdbx_description
1 polymer 'Farnesyl pyrophosphate synthase'
2 non-polymer 'PHOSPHATE ION'
3 non-polymer '(2-{2-[(2S)-3-methylbutan-2-yl]-5-phenyl-1H-indol-3-yl}ethane-1,1-diyl)bis(phosphonic acid)'
4 non-polymer GLYCEROL
5 water water
#
_entity_poly.entity_id   1
_entity_poly.type   'polypeptide(L)'
_entity_poly.pdbx_seq_one_letter_code
;MGSSHHHHHHSSGRENLYFQGHMNGDQNSDVYAQEKQDFVQHFSQIVRVLTEDEMGHPEIGDAIARLKEVLEYNAIGGKY
NRGLTVVVAFRELVEPRKQDADSLQRAWTVGWCVELLQAFFLVADDIMDSSLTRRGQICWYQKPGVGLDAINDANLLEAC
IYRLLKLYCREQPYYLNLIELFLQSSYQTEIGQTLDLLTAPQGNVDLVRFTEKRYKSIVKYKTAFYSFYLPIAAAMYMAG
IDGEKEHANAKKILLEMGEFFQIQDDYLDLFGDPSVTGKIGTDIQDNKCSWLVVQCLQRATPEQYQILKENYGQKEAEKV
ARVKALYEELDLPAVFLQYEEDSYSHIMALIEQYAAPLPPAVFLGLARKIYKRRK
;
_entity_poly.pdbx_strand_id   F
#
loop_
_chem_comp.id
_chem_comp.type
_chem_comp.name
_chem_comp.formula
GOL non-polymer GLYCEROL 'C3 H8 O3'
PO4 non-polymer 'PHOSPHATE ION' 'O4 P -3'
WC1 non-polymer '(2-{2-[(2S)-3-methylbutan-2-yl]-5-phenyl-1H-indol-3-yl}ethane-1,1-diyl)bis(phosphonic acid)' 'C21 H27 N O6 P2'
#
# COMPACT_ATOMS: atom_id res chain seq x y z
N TYR A 32 -20.07 4.64 -0.80
CA TYR A 32 -18.60 4.40 -0.88
C TYR A 32 -17.95 4.80 0.44
N ALA A 33 -18.23 6.04 0.90
CA ALA A 33 -17.55 6.69 2.06
C ALA A 33 -18.46 6.94 3.30
N GLN A 34 -19.62 6.28 3.29
CA GLN A 34 -20.40 6.04 4.50
C GLN A 34 -19.80 4.79 5.21
N GLU A 35 -19.41 3.79 4.39
CA GLU A 35 -18.72 2.54 4.85
C GLU A 35 -17.41 2.82 5.61
N LYS A 36 -16.75 3.94 5.27
CA LYS A 36 -15.50 4.36 5.90
C LYS A 36 -15.67 4.86 7.34
N GLN A 37 -16.75 5.61 7.59
CA GLN A 37 -17.08 6.07 8.94
C GLN A 37 -17.30 4.81 9.77
N ASP A 38 -17.98 3.78 9.20
CA ASP A 38 -18.34 2.53 9.90
C ASP A 38 -16.99 1.78 10.19
N PHE A 39 -16.12 1.79 9.20
CA PHE A 39 -14.80 1.11 9.41
C PHE A 39 -14.03 1.74 10.56
N VAL A 40 -13.93 3.07 10.54
CA VAL A 40 -13.22 3.76 11.58
C VAL A 40 -13.86 3.53 12.93
N GLN A 41 -15.20 3.46 13.02
CA GLN A 41 -15.82 3.33 14.35
C GLN A 41 -15.48 1.97 14.95
N HIS A 42 -15.25 0.98 14.11
CA HIS A 42 -14.80 -0.35 14.60
C HIS A 42 -13.41 -0.37 15.26
N PHE A 43 -12.55 0.62 14.96
CA PHE A 43 -11.20 0.66 15.52
C PHE A 43 -11.19 0.61 17.04
N SER A 44 -12.15 1.28 17.64
CA SER A 44 -12.20 1.42 19.09
C SER A 44 -12.22 0.04 19.77
N GLN A 45 -13.00 -0.89 19.20
CA GLN A 45 -13.05 -2.22 19.71
C GLN A 45 -11.73 -3.00 19.43
N ILE A 46 -11.15 -2.87 18.24
CA ILE A 46 -9.81 -3.47 17.88
C ILE A 46 -8.79 -3.08 18.95
N VAL A 47 -8.71 -1.79 19.25
CA VAL A 47 -7.81 -1.35 20.27
C VAL A 47 -8.15 -1.94 21.63
N ARG A 48 -9.43 -1.98 21.97
CA ARG A 48 -9.79 -2.51 23.27
C ARG A 48 -9.30 -3.94 23.40
N VAL A 49 -9.69 -4.80 22.47
CA VAL A 49 -9.36 -6.23 22.61
C VAL A 49 -7.83 -6.50 22.55
N LEU A 50 -7.08 -5.60 21.93
CA LEU A 50 -5.63 -5.79 21.85
C LEU A 50 -4.93 -5.29 23.08
N THR A 51 -5.57 -4.48 23.89
CA THR A 51 -4.91 -3.89 25.03
C THR A 51 -5.68 -4.25 26.28
N GLU A 52 -6.44 -5.37 26.26
CA GLU A 52 -7.22 -5.86 27.43
C GLU A 52 -6.27 -6.35 28.54
N ASP A 53 -5.07 -6.80 28.14
CA ASP A 53 -4.05 -7.25 29.10
C ASP A 53 -3.54 -6.14 30.07
N GLU A 54 -4.06 -4.89 29.97
CA GLU A 54 -3.63 -3.75 30.82
C GLU A 54 -3.80 -4.14 32.30
N MET A 55 -4.82 -4.98 32.59
CA MET A 55 -5.05 -5.48 33.97
C MET A 55 -5.09 -7.03 34.18
N GLY A 56 -5.18 -7.82 33.10
CA GLY A 56 -5.16 -9.31 33.21
C GLY A 56 -3.81 -9.85 33.68
N HIS A 57 -2.74 -9.20 33.22
CA HIS A 57 -1.37 -9.31 33.76
C HIS A 57 -0.97 -7.85 34.08
N PRO A 58 -0.72 -7.53 35.36
CA PRO A 58 -0.56 -6.10 35.66
C PRO A 58 0.85 -5.59 35.33
N GLU A 59 1.88 -6.33 35.73
CA GLU A 59 3.27 -6.21 35.29
C GLU A 59 3.52 -5.56 33.84
N ILE A 60 2.86 -6.05 32.81
CA ILE A 60 3.09 -5.54 31.51
C ILE A 60 2.18 -4.40 31.11
N GLY A 61 1.38 -3.92 32.05
CA GLY A 61 0.49 -2.78 31.84
C GLY A 61 1.10 -1.59 31.10
N ASP A 62 2.25 -1.10 31.55
CA ASP A 62 2.89 0.03 30.93
C ASP A 62 3.24 -0.26 29.46
N ALA A 63 3.64 -1.49 29.13
CA ALA A 63 3.93 -1.85 27.76
C ALA A 63 2.65 -1.86 26.93
N ILE A 64 1.57 -2.38 27.52
CA ILE A 64 0.30 -2.43 26.81
C ILE A 64 -0.24 -0.95 26.61
N ALA A 65 -0.03 -0.08 27.57
CA ALA A 65 -0.35 1.34 27.39
C ALA A 65 0.42 1.89 26.22
N ARG A 66 1.71 1.55 26.07
CA ARG A 66 2.54 2.06 24.96
C ARG A 66 1.98 1.48 23.63
N LEU A 67 1.59 0.21 23.64
CA LEU A 67 1.00 -0.43 22.45
C LEU A 67 -0.24 0.35 22.07
N LYS A 68 -1.05 0.71 23.03
CA LYS A 68 -2.22 1.49 22.68
C LYS A 68 -1.90 2.83 21.91
N GLU A 69 -0.91 3.57 22.43
CA GLU A 69 -0.48 4.83 21.88
C GLU A 69 0.07 4.55 20.46
N VAL A 70 0.82 3.46 20.28
CA VAL A 70 1.35 3.09 18.95
C VAL A 70 0.23 2.83 17.94
N LEU A 71 -0.78 2.07 18.39
CA LEU A 71 -1.92 1.77 17.56
C LEU A 71 -2.66 3.03 17.18
N GLU A 72 -2.91 3.87 18.18
CA GLU A 72 -3.73 5.02 17.92
C GLU A 72 -3.03 6.02 17.01
N TYR A 73 -1.71 6.22 17.17
CA TYR A 73 -1.00 7.20 16.39
C TYR A 73 -0.83 6.69 14.92
N ASN A 74 -0.55 5.42 14.75
CA ASN A 74 -0.11 4.90 13.44
C ASN A 74 -1.12 4.15 12.61
N ALA A 75 -2.20 3.68 13.22
CA ALA A 75 -3.24 3.01 12.41
C ALA A 75 -4.39 3.91 11.97
N ILE A 76 -4.45 5.15 12.49
CA ILE A 76 -5.47 6.14 12.17
C ILE A 76 -4.85 7.27 11.39
N GLY A 77 -5.58 7.80 10.44
CA GLY A 77 -5.19 9.06 9.76
C GLY A 77 -5.01 8.87 8.27
N GLY A 78 -5.04 7.60 7.82
CA GLY A 78 -4.92 7.27 6.38
C GLY A 78 -6.27 7.30 5.74
N LYS A 79 -6.37 6.84 4.51
CA LYS A 79 -7.65 6.84 3.79
C LYS A 79 -8.38 5.49 3.95
N TYR A 80 -7.70 4.50 4.54
CA TYR A 80 -8.31 3.18 4.83
C TYR A 80 -8.75 2.38 3.56
N ASN A 81 -8.17 2.68 2.39
CA ASN A 81 -8.63 2.04 1.16
C ASN A 81 -8.40 0.52 1.20
N ARG A 82 -7.31 0.08 1.79
CA ARG A 82 -6.92 -1.34 1.76
C ARG A 82 -7.82 -2.16 2.67
N GLY A 83 -8.04 -1.69 3.88
CA GLY A 83 -8.93 -2.33 4.82
C GLY A 83 -10.37 -2.36 4.37
N LEU A 84 -10.83 -1.23 3.88
CA LEU A 84 -12.19 -1.16 3.39
C LEU A 84 -12.43 -2.09 2.23
N THR A 85 -11.42 -2.33 1.38
CA THR A 85 -11.56 -3.24 0.26
C THR A 85 -11.91 -4.67 0.72
N VAL A 86 -11.36 -5.06 1.88
CA VAL A 86 -11.68 -6.35 2.45
C VAL A 86 -13.18 -6.41 2.73
N VAL A 87 -13.71 -5.38 3.37
CA VAL A 87 -15.12 -5.39 3.76
C VAL A 87 -16.02 -5.32 2.53
N VAL A 88 -15.73 -4.41 1.62
CA VAL A 88 -16.54 -4.30 0.39
C VAL A 88 -16.51 -5.60 -0.40
N ALA A 89 -15.33 -6.15 -0.60
CA ALA A 89 -15.21 -7.35 -1.39
C ALA A 89 -15.88 -8.53 -0.63
N PHE A 90 -15.79 -8.57 0.68
CA PHE A 90 -16.43 -9.63 1.43
C PHE A 90 -17.97 -9.64 1.21
N ARG A 91 -18.57 -8.47 1.40
CA ARG A 91 -19.99 -8.30 1.23
C ARG A 91 -20.37 -8.64 -0.22
N GLU A 92 -19.51 -8.42 -1.20
CA GLU A 92 -19.88 -8.75 -2.61
C GLU A 92 -19.71 -10.21 -2.96
N LEU A 93 -18.94 -10.91 -2.18
CA LEU A 93 -18.62 -12.34 -2.41
C LEU A 93 -19.41 -13.38 -1.62
N VAL A 94 -19.89 -13.03 -0.44
CA VAL A 94 -20.58 -13.95 0.43
C VAL A 94 -22.09 -13.97 0.19
N GLU A 95 -22.74 -15.16 0.31
CA GLU A 95 -24.23 -15.31 0.22
C GLU A 95 -24.93 -14.55 1.35
N PRO A 96 -25.90 -13.68 1.04
CA PRO A 96 -26.32 -12.69 2.06
C PRO A 96 -26.81 -13.27 3.40
N ARG A 97 -27.23 -14.52 3.41
CA ARG A 97 -27.71 -15.20 4.62
C ARG A 97 -26.59 -16.09 5.18
N LYS A 98 -25.35 -15.68 4.94
CA LYS A 98 -24.15 -16.06 5.73
C LYS A 98 -23.39 -14.78 6.10
N GLN A 99 -24.13 -13.66 6.19
CA GLN A 99 -23.59 -12.38 6.66
C GLN A 99 -24.35 -12.01 7.94
N ASP A 100 -24.11 -12.81 8.97
CA ASP A 100 -24.54 -12.44 10.31
C ASP A 100 -23.56 -11.43 10.98
N ALA A 101 -23.95 -10.98 12.16
CA ALA A 101 -23.16 -10.01 12.91
C ALA A 101 -21.74 -10.50 13.09
N ASP A 102 -21.54 -11.78 13.41
CA ASP A 102 -20.16 -12.31 13.65
C ASP A 102 -19.31 -12.37 12.39
N SER A 103 -19.91 -12.72 11.27
CA SER A 103 -19.23 -12.65 9.99
C SER A 103 -18.76 -11.30 9.61
N LEU A 104 -19.67 -10.35 9.71
CA LEU A 104 -19.36 -8.95 9.40
C LEU A 104 -18.25 -8.46 10.30
N GLN A 105 -18.30 -8.78 11.58
CA GLN A 105 -17.27 -8.41 12.53
C GLN A 105 -15.87 -8.99 12.15
N ARG A 106 -15.84 -10.26 11.73
CA ARG A 106 -14.59 -10.87 11.27
C ARG A 106 -14.05 -10.08 10.06
N ALA A 107 -14.94 -9.73 9.13
CA ALA A 107 -14.55 -8.94 7.93
C ALA A 107 -13.95 -7.58 8.29
N TRP A 108 -14.59 -6.82 9.17
CA TRP A 108 -14.02 -5.57 9.69
C TRP A 108 -12.67 -5.80 10.35
N THR A 109 -12.55 -6.88 11.14
CA THR A 109 -11.33 -7.16 11.85
C THR A 109 -10.20 -7.46 10.89
N VAL A 110 -10.50 -8.26 9.89
CA VAL A 110 -9.49 -8.59 8.88
C VAL A 110 -9.10 -7.37 8.01
N GLY A 111 -10.07 -6.52 7.67
CA GLY A 111 -9.75 -5.19 7.15
C GLY A 111 -8.77 -4.39 8.02
N TRP A 112 -9.06 -4.31 9.32
CA TRP A 112 -8.15 -3.69 10.23
C TRP A 112 -6.77 -4.39 10.26
N CYS A 113 -6.70 -5.71 10.08
CA CYS A 113 -5.42 -6.39 9.96
C CYS A 113 -4.60 -5.85 8.77
N VAL A 114 -5.27 -5.65 7.65
CA VAL A 114 -4.57 -5.13 6.45
C VAL A 114 -4.07 -3.73 6.78
N GLU A 115 -4.87 -2.92 7.48
CA GLU A 115 -4.42 -1.61 7.92
C GLU A 115 -3.25 -1.65 8.90
N LEU A 116 -3.22 -2.62 9.78
CA LEU A 116 -2.09 -2.78 10.68
C LEU A 116 -0.80 -3.15 9.94
N LEU A 117 -0.93 -4.01 8.92
CA LEU A 117 0.19 -4.39 8.10
C LEU A 117 0.73 -3.12 7.42
N GLN A 118 -0.14 -2.37 6.77
CA GLN A 118 0.22 -1.06 6.21
C GLN A 118 0.95 -0.18 7.25
N ALA A 119 0.42 -0.10 8.47
CA ALA A 119 0.99 0.79 9.53
C ALA A 119 2.39 0.35 9.87
N PHE A 120 2.63 -0.97 9.97
CA PHE A 120 3.92 -1.59 10.24
C PHE A 120 4.90 -1.14 9.13
N PHE A 121 4.53 -1.31 7.87
CA PHE A 121 5.41 -0.93 6.79
C PHE A 121 5.73 0.58 6.80
N LEU A 122 4.73 1.40 7.02
CA LEU A 122 4.94 2.85 6.96
C LEU A 122 5.84 3.38 8.10
N VAL A 123 5.65 2.90 9.32
CA VAL A 123 6.47 3.32 10.46
C VAL A 123 7.91 2.98 10.18
N ALA A 124 8.13 1.78 9.68
CA ALA A 124 9.46 1.32 9.40
C ALA A 124 10.07 2.02 8.19
N ASP A 125 9.33 2.14 7.10
CA ASP A 125 9.81 2.89 5.97
C ASP A 125 10.20 4.36 6.23
N ASP A 126 9.41 5.02 7.05
CA ASP A 126 9.69 6.38 7.47
C ASP A 126 11.00 6.49 8.18
N ILE A 127 11.30 5.54 9.07
CA ILE A 127 12.61 5.52 9.75
C ILE A 127 13.70 5.34 8.73
N MET A 128 13.56 4.31 7.89
CA MET A 128 14.58 4.05 6.88
C MET A 128 14.88 5.18 5.88
N ASP A 129 13.86 5.92 5.49
CA ASP A 129 13.96 7.00 4.55
C ASP A 129 14.29 8.33 5.22
N SER A 130 14.39 8.36 6.51
CA SER A 130 14.48 9.60 7.29
C SER A 130 13.36 10.57 6.95
N SER A 131 12.12 10.17 6.86
CA SER A 131 11.07 11.11 6.54
C SER A 131 10.72 11.97 7.79
N LEU A 132 10.07 13.09 7.55
CA LEU A 132 9.72 14.04 8.62
C LEU A 132 8.27 13.89 8.98
N THR A 133 7.40 13.81 7.97
CA THR A 133 5.98 13.73 8.20
C THR A 133 5.33 12.58 7.41
N ARG A 134 4.10 12.27 7.81
CA ARG A 134 3.28 11.18 7.28
C ARG A 134 1.84 11.53 7.66
N ARG A 135 0.96 11.55 6.65
CA ARG A 135 -0.49 11.69 6.86
C ARG A 135 -0.64 13.03 7.53
N GLY A 136 0.11 14.03 7.03
CA GLY A 136 0.20 15.34 7.57
C GLY A 136 0.71 15.59 9.01
N GLN A 137 1.18 14.59 9.73
CA GLN A 137 1.67 14.80 11.09
C GLN A 137 3.11 14.30 11.21
N ILE A 138 3.79 14.67 12.27
CA ILE A 138 5.17 14.25 12.45
C ILE A 138 5.25 12.72 12.34
N CYS A 139 6.27 12.15 11.70
CA CYS A 139 6.41 10.73 11.77
C CYS A 139 6.60 10.21 13.18
N TRP A 140 6.02 9.04 13.46
CA TRP A 140 6.09 8.44 14.83
C TRP A 140 7.52 8.48 15.37
N TYR A 141 8.48 7.99 14.60
CA TYR A 141 9.85 7.95 15.13
C TYR A 141 10.45 9.31 15.41
N GLN A 142 9.96 10.38 14.81
CA GLN A 142 10.43 11.74 15.03
C GLN A 142 9.85 12.35 16.33
N LYS A 143 8.85 11.70 16.91
CA LYS A 143 8.28 12.21 18.14
C LYS A 143 9.33 12.19 19.25
N PRO A 144 9.41 13.28 20.02
CA PRO A 144 10.34 13.28 21.11
C PRO A 144 10.10 12.08 22.00
N GLY A 145 11.17 11.41 22.38
CA GLY A 145 10.98 10.24 23.26
C GLY A 145 10.77 8.91 22.53
N VAL A 146 10.49 8.92 21.23
CA VAL A 146 10.36 7.64 20.48
C VAL A 146 11.65 7.23 19.81
N GLY A 147 12.02 7.94 18.76
CA GLY A 147 13.24 7.69 18.10
C GLY A 147 13.26 6.26 17.57
N LEU A 148 14.40 5.60 17.69
CA LEU A 148 14.56 4.27 17.15
C LEU A 148 13.77 3.16 17.91
N ASP A 149 13.25 3.47 19.06
CA ASP A 149 12.26 2.60 19.69
C ASP A 149 11.09 2.29 18.75
N ALA A 150 10.85 3.12 17.76
CA ALA A 150 9.82 2.86 16.76
C ALA A 150 10.03 1.59 16.02
N ILE A 151 11.26 1.04 16.02
CA ILE A 151 11.52 -0.20 15.33
C ILE A 151 10.71 -1.31 16.07
N ASN A 152 10.79 -1.29 17.37
CA ASN A 152 10.05 -2.29 18.12
C ASN A 152 8.52 -2.02 18.05
N ASP A 153 8.14 -0.72 18.06
CA ASP A 153 6.71 -0.34 17.83
C ASP A 153 6.17 -0.92 16.52
N ALA A 154 6.95 -0.83 15.46
CA ALA A 154 6.54 -1.40 14.22
C ALA A 154 6.38 -2.92 14.29
N ASN A 155 7.31 -3.60 14.93
CA ASN A 155 7.17 -5.03 15.10
C ASN A 155 5.90 -5.37 15.88
N LEU A 156 5.55 -4.57 16.87
CA LEU A 156 4.31 -4.80 17.61
C LEU A 156 3.07 -4.69 16.72
N LEU A 157 3.10 -3.75 15.80
CA LEU A 157 1.97 -3.49 14.95
C LEU A 157 1.77 -4.72 14.09
N GLU A 158 2.88 -5.23 13.56
CA GLU A 158 2.85 -6.50 12.81
C GLU A 158 2.26 -7.66 13.66
N ALA A 159 2.73 -7.80 14.87
CA ALA A 159 2.32 -8.85 15.74
C ALA A 159 0.81 -8.77 16.03
N CYS A 160 0.30 -7.55 16.10
CA CYS A 160 -1.13 -7.35 16.33
C CYS A 160 -2.02 -8.00 15.28
N ILE A 161 -1.55 -8.11 14.06
CA ILE A 161 -2.30 -8.76 13.02
C ILE A 161 -2.65 -10.14 13.47
N TYR A 162 -1.65 -10.91 13.99
CA TYR A 162 -1.82 -12.35 14.20
C TYR A 162 -2.57 -12.56 15.52
N ARG A 163 -2.43 -11.61 16.44
CA ARG A 163 -3.28 -11.64 17.63
C ARG A 163 -4.74 -11.46 17.26
N LEU A 164 -5.08 -10.52 16.36
CA LEU A 164 -6.51 -10.35 15.91
C LEU A 164 -6.99 -11.56 15.13
N LEU A 165 -6.18 -12.12 14.23
CA LEU A 165 -6.59 -13.32 13.52
C LEU A 165 -6.95 -14.44 14.49
N LYS A 166 -6.12 -14.64 15.50
CA LYS A 166 -6.39 -15.68 16.41
C LYS A 166 -7.68 -15.39 17.23
N LEU A 167 -7.78 -14.18 17.77
CA LEU A 167 -8.91 -13.80 18.59
C LEU A 167 -10.24 -13.96 17.84
N TYR A 168 -10.30 -13.59 16.59
CA TYR A 168 -11.54 -13.55 15.87
C TYR A 168 -11.75 -14.71 14.90
N CYS A 169 -10.70 -15.34 14.40
CA CYS A 169 -10.82 -16.28 13.29
C CYS A 169 -10.29 -17.67 13.53
N ARG A 170 -9.84 -17.96 14.73
CA ARG A 170 -9.20 -19.24 14.96
C ARG A 170 -10.04 -20.47 14.73
N GLU A 171 -11.37 -20.38 14.85
CA GLU A 171 -12.21 -21.57 14.68
C GLU A 171 -12.72 -21.69 13.25
N GLN A 172 -12.43 -20.70 12.40
CA GLN A 172 -12.90 -20.68 11.03
C GLN A 172 -12.06 -21.55 10.10
N PRO A 173 -12.66 -22.12 9.02
CA PRO A 173 -11.88 -23.01 8.16
C PRO A 173 -10.77 -22.32 7.38
N TYR A 174 -10.86 -21.02 7.20
CA TYR A 174 -9.83 -20.24 6.49
C TYR A 174 -8.72 -19.65 7.34
N TYR A 175 -8.67 -19.99 8.62
CA TYR A 175 -7.69 -19.40 9.56
C TYR A 175 -6.24 -19.51 9.09
N LEU A 176 -5.77 -20.72 8.84
CA LEU A 176 -4.44 -20.96 8.35
C LEU A 176 -4.24 -20.24 7.04
N ASN A 177 -5.22 -20.27 6.13
CA ASN A 177 -5.07 -19.55 4.87
C ASN A 177 -4.82 -18.06 5.04
N LEU A 178 -5.51 -17.40 5.97
CA LEU A 178 -5.29 -16.01 6.21
C LEU A 178 -3.91 -15.76 6.85
N ILE A 179 -3.53 -16.56 7.83
CA ILE A 179 -2.20 -16.38 8.46
C ILE A 179 -1.13 -16.45 7.35
N GLU A 180 -1.21 -17.46 6.49
CA GLU A 180 -0.22 -17.61 5.43
C GLU A 180 -0.26 -16.45 4.44
N LEU A 181 -1.46 -15.94 4.10
CA LEU A 181 -1.60 -14.81 3.23
C LEU A 181 -0.95 -13.53 3.84
N PHE A 182 -1.20 -13.23 5.09
CA PHE A 182 -0.53 -12.09 5.71
C PHE A 182 0.99 -12.26 5.78
N LEU A 183 1.48 -13.46 6.11
CA LEU A 183 2.93 -13.74 6.14
C LEU A 183 3.53 -13.59 4.76
N GLN A 184 2.88 -14.14 3.78
CA GLN A 184 3.42 -14.02 2.45
C GLN A 184 3.39 -12.58 1.93
N SER A 185 2.34 -11.84 2.23
CA SER A 185 2.26 -10.45 1.82
C SER A 185 3.37 -9.59 2.50
N SER A 186 3.69 -9.86 3.76
CA SER A 186 4.78 -9.22 4.44
C SER A 186 6.13 -9.54 3.75
N TYR A 187 6.40 -10.81 3.45
CA TYR A 187 7.63 -11.20 2.74
C TYR A 187 7.73 -10.52 1.40
N GLN A 188 6.68 -10.57 0.61
CA GLN A 188 6.75 -9.97 -0.69
C GLN A 188 7.08 -8.48 -0.56
N THR A 189 6.40 -7.83 0.37
CA THR A 189 6.60 -6.40 0.55
C THR A 189 8.03 -6.11 0.97
N GLU A 190 8.55 -6.92 1.88
CA GLU A 190 9.93 -6.70 2.36
C GLU A 190 10.97 -6.92 1.33
N ILE A 191 10.73 -7.90 0.48
CA ILE A 191 11.64 -8.20 -0.60
C ILE A 191 11.63 -7.05 -1.61
N GLY A 192 10.44 -6.50 -1.80
CA GLY A 192 10.30 -5.36 -2.65
C GLY A 192 11.00 -4.17 -2.11
N GLN A 193 10.97 -3.98 -0.81
CA GLN A 193 11.65 -2.91 -0.19
C GLN A 193 13.17 -3.11 -0.35
N THR A 194 13.63 -4.35 -0.25
CA THR A 194 15.08 -4.60 -0.41
C THR A 194 15.48 -4.13 -1.81
N LEU A 195 14.69 -4.55 -2.79
CA LEU A 195 14.99 -4.27 -4.18
C LEU A 195 15.03 -2.79 -4.37
N ASP A 196 14.08 -2.09 -3.76
CA ASP A 196 14.03 -0.66 -3.90
C ASP A 196 15.25 0.04 -3.28
N LEU A 197 15.57 -0.32 -2.05
CA LEU A 197 16.80 0.14 -1.35
C LEU A 197 18.10 -0.08 -2.11
N LEU A 198 18.25 -1.16 -2.87
CA LEU A 198 19.41 -1.43 -3.67
C LEU A 198 19.41 -0.60 -4.93
N THR A 199 18.22 -0.21 -5.37
CA THR A 199 18.04 0.33 -6.70
C THR A 199 18.22 1.80 -6.57
N ALA A 200 17.72 2.33 -5.47
CA ALA A 200 17.61 3.77 -5.34
C ALA A 200 18.20 4.27 -4.03
N PRO A 201 19.48 4.00 -3.73
CA PRO A 201 19.99 4.46 -2.42
C PRO A 201 20.13 6.01 -2.36
N GLN A 202 19.54 6.67 -1.35
CA GLN A 202 19.57 8.14 -1.22
C GLN A 202 21.01 8.60 -1.28
N GLY A 203 21.24 9.72 -1.95
CA GLY A 203 22.57 10.36 -1.94
C GLY A 203 23.59 9.64 -2.80
N ASN A 204 23.12 8.78 -3.67
CA ASN A 204 23.95 8.16 -4.67
C ASN A 204 23.14 7.94 -5.97
N VAL A 205 23.35 8.85 -6.92
CA VAL A 205 22.62 8.80 -8.20
C VAL A 205 23.32 7.77 -9.08
N ASP A 206 22.52 6.80 -9.55
CA ASP A 206 22.96 5.85 -10.57
C ASP A 206 21.68 5.44 -11.36
N LEU A 207 21.61 6.03 -12.52
CA LEU A 207 20.45 5.94 -13.32
C LEU A 207 20.55 4.66 -14.14
N VAL A 208 21.73 4.05 -14.27
CA VAL A 208 21.83 2.72 -14.91
C VAL A 208 21.02 1.66 -14.20
N ARG A 209 20.64 1.95 -12.96
CA ARG A 209 19.75 1.09 -12.22
C ARG A 209 18.26 1.19 -12.62
N PHE A 210 17.85 2.34 -13.17
CA PHE A 210 16.39 2.68 -13.25
C PHE A 210 15.81 2.20 -14.58
N THR A 211 15.69 0.90 -14.74
CA THR A 211 15.18 0.34 -15.91
C THR A 211 13.76 -0.05 -15.70
N GLU A 212 13.07 -0.21 -16.81
CA GLU A 212 11.67 -0.54 -16.76
C GLU A 212 11.43 -1.89 -16.10
N LYS A 213 12.25 -2.91 -16.40
CA LYS A 213 12.04 -4.25 -15.81
C LYS A 213 12.18 -4.15 -14.26
N ARG A 214 13.09 -3.30 -13.81
CA ARG A 214 13.36 -3.12 -12.39
C ARG A 214 12.24 -2.39 -11.74
N TYR A 215 11.76 -1.34 -12.40
CA TYR A 215 10.60 -0.55 -11.88
C TYR A 215 9.37 -1.41 -11.63
N LYS A 216 9.07 -2.26 -12.63
CA LYS A 216 7.89 -3.12 -12.53
C LYS A 216 8.04 -4.14 -11.45
N SER A 217 9.24 -4.70 -11.34
CA SER A 217 9.53 -5.59 -10.27
C SER A 217 9.37 -4.94 -8.85
N ILE A 218 9.91 -3.75 -8.66
CA ILE A 218 9.69 -3.06 -7.37
C ILE A 218 8.22 -2.88 -7.08
N VAL A 219 7.48 -2.40 -8.07
CA VAL A 219 6.08 -2.08 -7.85
C VAL A 219 5.32 -3.36 -7.51
N LYS A 220 5.60 -4.44 -8.21
CA LYS A 220 4.83 -5.65 -8.02
C LYS A 220 5.01 -6.15 -6.57
N TYR A 221 6.26 -6.21 -6.13
CA TYR A 221 6.56 -6.79 -4.83
C TYR A 221 6.30 -5.78 -3.69
N LYS A 222 6.75 -4.54 -3.86
CA LYS A 222 6.70 -3.60 -2.74
C LYS A 222 5.29 -3.03 -2.51
N THR A 223 4.48 -2.94 -3.57
CA THR A 223 3.21 -2.22 -3.48
C THR A 223 1.98 -3.05 -3.89
N ALA A 224 2.01 -3.63 -5.07
CA ALA A 224 0.81 -4.25 -5.68
C ALA A 224 0.31 -5.45 -4.92
N PHE A 225 1.21 -6.30 -4.38
CA PHE A 225 0.77 -7.49 -3.71
C PHE A 225 -0.02 -7.14 -2.48
N TYR A 226 0.52 -6.33 -1.59
CA TYR A 226 -0.19 -6.06 -0.33
C TYR A 226 -1.34 -5.12 -0.50
N SER A 227 -1.29 -4.23 -1.51
CA SER A 227 -2.26 -3.18 -1.61
C SER A 227 -3.55 -3.70 -2.31
N PHE A 228 -3.40 -4.58 -3.29
CA PHE A 228 -4.47 -5.05 -4.13
C PHE A 228 -4.76 -6.50 -4.06
N TYR A 229 -3.73 -7.35 -4.16
CA TYR A 229 -3.96 -8.80 -4.02
C TYR A 229 -4.45 -9.15 -2.56
N LEU A 230 -3.68 -8.75 -1.58
CA LEU A 230 -3.95 -9.11 -0.16
C LEU A 230 -5.44 -8.86 0.23
N PRO A 231 -5.97 -7.66 0.04
CA PRO A 231 -7.30 -7.50 0.63
C PRO A 231 -8.40 -8.32 -0.07
N ILE A 232 -8.32 -8.45 -1.38
CA ILE A 232 -9.32 -9.20 -2.15
C ILE A 232 -9.13 -10.69 -1.81
N ALA A 233 -7.88 -11.19 -1.78
CA ALA A 233 -7.62 -12.61 -1.46
C ALA A 233 -8.16 -12.95 -0.09
N ALA A 234 -8.07 -11.98 0.85
CA ALA A 234 -8.47 -12.29 2.21
C ALA A 234 -9.99 -12.44 2.19
N ALA A 235 -10.67 -11.51 1.52
CA ALA A 235 -12.12 -11.57 1.37
C ALA A 235 -12.55 -12.90 0.69
N MET A 236 -11.82 -13.30 -0.35
CA MET A 236 -12.03 -14.56 -1.00
C MET A 236 -11.94 -15.69 -0.03
N TYR A 237 -10.86 -15.76 0.76
CA TYR A 237 -10.73 -16.89 1.71
C TYR A 237 -11.86 -16.90 2.71
N MET A 238 -12.27 -15.71 3.16
CA MET A 238 -13.34 -15.63 4.12
C MET A 238 -14.67 -16.10 3.52
N ALA A 239 -14.83 -15.92 2.22
CA ALA A 239 -16.01 -16.39 1.53
C ALA A 239 -15.92 -17.86 1.13
N GLY A 240 -14.95 -18.61 1.64
CA GLY A 240 -14.83 -19.99 1.30
C GLY A 240 -14.26 -20.18 -0.10
N ILE A 241 -13.77 -19.11 -0.76
CA ILE A 241 -13.14 -19.27 -2.07
C ILE A 241 -11.63 -19.50 -1.93
N ASP A 242 -11.23 -20.77 -1.89
CA ASP A 242 -9.85 -21.08 -1.52
C ASP A 242 -9.01 -21.66 -2.67
N GLY A 243 -9.61 -21.76 -3.84
CA GLY A 243 -8.98 -22.47 -4.95
C GLY A 243 -7.78 -21.73 -5.51
N GLU A 244 -6.76 -22.51 -5.90
CA GLU A 244 -5.44 -21.99 -6.27
C GLU A 244 -5.62 -21.19 -7.52
N LYS A 245 -6.47 -21.73 -8.37
CA LYS A 245 -6.70 -21.23 -9.71
C LYS A 245 -7.42 -19.91 -9.69
N GLU A 246 -8.48 -19.86 -8.91
CA GLU A 246 -9.20 -18.60 -8.71
C GLU A 246 -8.30 -17.55 -8.08
N HIS A 247 -7.52 -17.91 -7.06
CA HIS A 247 -6.58 -16.92 -6.48
C HIS A 247 -5.62 -16.45 -7.52
N ALA A 248 -5.11 -17.34 -8.38
CA ALA A 248 -4.17 -16.90 -9.43
C ALA A 248 -4.83 -15.94 -10.42
N ASN A 249 -6.08 -16.23 -10.79
CA ASN A 249 -6.81 -15.39 -11.74
C ASN A 249 -7.02 -14.02 -11.20
N ALA A 250 -7.43 -13.93 -9.95
CA ALA A 250 -7.68 -12.65 -9.36
C ALA A 250 -6.35 -11.89 -9.22
N LYS A 251 -5.28 -12.61 -8.83
CA LYS A 251 -3.94 -12.02 -8.69
C LYS A 251 -3.51 -11.42 -10.02
N LYS A 252 -3.76 -12.07 -11.13
CA LYS A 252 -3.32 -11.50 -12.38
C LYS A 252 -3.92 -10.12 -12.66
N ILE A 253 -5.22 -10.01 -12.40
CA ILE A 253 -5.94 -8.75 -12.57
C ILE A 253 -5.35 -7.72 -11.61
N LEU A 254 -5.24 -8.13 -10.36
CA LEU A 254 -4.97 -7.20 -9.28
C LEU A 254 -3.51 -6.65 -9.29
N LEU A 255 -2.58 -7.46 -9.71
CA LEU A 255 -1.15 -7.00 -9.78
C LEU A 255 -1.02 -6.06 -10.94
N GLU A 256 -1.80 -6.25 -12.00
CA GLU A 256 -1.77 -5.30 -13.12
C GLU A 256 -2.38 -3.94 -12.73
N MET A 257 -3.47 -3.98 -11.98
CA MET A 257 -4.05 -2.79 -11.47
C MET A 257 -3.10 -2.05 -10.55
N GLY A 258 -2.41 -2.80 -9.70
CA GLY A 258 -1.42 -2.25 -8.77
C GLY A 258 -0.28 -1.56 -9.50
N GLU A 259 0.14 -2.11 -10.63
CA GLU A 259 1.15 -1.48 -11.40
C GLU A 259 0.73 -0.12 -11.87
N PHE A 260 -0.48 -0.01 -12.46
CA PHE A 260 -1.00 1.31 -12.85
C PHE A 260 -1.24 2.28 -11.67
N PHE A 261 -1.74 1.76 -10.58
CA PHE A 261 -1.88 2.60 -9.38
C PHE A 261 -0.54 3.34 -9.02
N GLN A 262 0.57 2.61 -9.01
CA GLN A 262 1.84 3.19 -8.59
C GLN A 262 2.35 4.17 -9.66
N ILE A 263 2.18 3.80 -10.94
CA ILE A 263 2.58 4.64 -12.05
C ILE A 263 1.81 5.94 -11.97
N GLN A 264 0.53 5.87 -11.67
CA GLN A 264 -0.25 7.05 -11.53
C GLN A 264 0.15 7.85 -10.30
N ASP A 265 0.40 7.16 -9.20
CA ASP A 265 1.00 7.83 -8.04
C ASP A 265 2.30 8.59 -8.41
N ASP A 266 3.21 7.94 -9.16
CA ASP A 266 4.47 8.60 -9.60
C ASP A 266 4.25 9.85 -10.45
N TYR A 267 3.30 9.75 -11.37
CA TYR A 267 2.98 10.85 -12.23
C TYR A 267 2.40 12.00 -11.37
N LEU A 268 1.46 11.69 -10.52
CA LEU A 268 0.81 12.74 -9.73
C LEU A 268 1.71 13.38 -8.74
N ASP A 269 2.73 12.66 -8.27
CA ASP A 269 3.74 13.21 -7.36
C ASP A 269 4.29 14.57 -7.84
N LEU A 270 4.63 14.64 -9.13
CA LEU A 270 5.14 15.82 -9.78
C LEU A 270 4.07 16.66 -10.50
N PHE A 271 3.07 16.04 -11.14
CA PHE A 271 2.16 16.78 -12.00
C PHE A 271 0.78 16.97 -11.44
N GLY A 272 0.49 16.36 -10.30
CA GLY A 272 -0.84 16.47 -9.71
C GLY A 272 -1.08 17.82 -9.06
N ASP A 273 -2.35 18.21 -8.96
CA ASP A 273 -2.77 19.37 -8.20
C ASP A 273 -2.66 19.08 -6.71
N PRO A 274 -1.81 19.80 -5.97
CA PRO A 274 -1.68 19.44 -4.54
C PRO A 274 -2.91 19.58 -3.61
N SER A 275 -3.85 20.49 -3.91
CA SER A 275 -5.15 20.48 -3.17
C SER A 275 -6.08 19.30 -3.55
N VAL A 276 -5.70 18.50 -4.55
CA VAL A 276 -6.46 17.31 -4.94
C VAL A 276 -5.74 16.01 -4.48
N THR A 277 -4.41 16.03 -4.42
CA THR A 277 -3.65 14.88 -3.97
C THR A 277 -3.37 14.96 -2.47
N GLY A 278 -2.97 16.13 -2.00
CA GLY A 278 -2.40 16.27 -0.67
C GLY A 278 -0.89 16.39 -0.80
N LYS A 279 -0.27 15.55 -1.62
CA LYS A 279 1.19 15.59 -1.83
C LYS A 279 1.68 16.87 -2.51
N ILE A 280 2.80 17.38 -2.03
CA ILE A 280 3.69 18.20 -2.84
C ILE A 280 4.92 17.28 -3.02
N GLY A 281 5.24 16.90 -4.26
CA GLY A 281 6.10 15.75 -4.47
C GLY A 281 7.58 15.94 -4.18
N THR A 282 8.26 14.87 -3.78
CA THR A 282 9.70 14.89 -3.60
C THR A 282 10.42 13.69 -4.16
N ASP A 283 9.76 12.94 -5.03
CA ASP A 283 10.41 11.85 -5.73
C ASP A 283 11.76 12.24 -6.36
N ILE A 284 11.81 13.33 -7.10
CA ILE A 284 13.04 13.68 -7.81
C ILE A 284 14.17 14.00 -6.80
N GLN A 285 13.89 14.87 -5.83
CA GLN A 285 14.86 15.11 -4.72
C GLN A 285 15.32 13.81 -4.02
N ASP A 286 14.43 12.80 -3.91
CA ASP A 286 14.75 11.62 -3.15
C ASP A 286 15.42 10.49 -3.95
N ASN A 287 15.81 10.78 -5.20
CA ASN A 287 16.44 9.81 -6.10
C ASN A 287 15.54 8.56 -6.29
N LYS A 288 14.21 8.76 -6.41
CA LYS A 288 13.28 7.64 -6.57
C LYS A 288 13.35 6.98 -7.94
N CYS A 289 13.18 5.67 -7.95
CA CYS A 289 12.95 4.97 -9.18
C CYS A 289 11.45 5.17 -9.50
N SER A 290 11.12 6.36 -9.98
CA SER A 290 9.79 6.78 -10.44
C SER A 290 9.57 6.27 -11.84
N TRP A 291 8.30 6.03 -12.19
CA TRP A 291 7.96 5.74 -13.57
C TRP A 291 8.44 6.88 -14.47
N LEU A 292 8.37 8.12 -13.95
CA LEU A 292 8.73 9.27 -14.76
C LEU A 292 10.22 9.28 -15.17
N VAL A 293 11.12 8.99 -14.22
CA VAL A 293 12.55 9.01 -14.52
C VAL A 293 12.88 7.83 -15.46
N VAL A 294 12.22 6.70 -15.26
CA VAL A 294 12.37 5.53 -16.15
C VAL A 294 12.02 5.90 -17.61
N GLN A 295 10.88 6.57 -17.76
CA GLN A 295 10.38 6.98 -19.11
C GLN A 295 11.33 7.97 -19.72
N CYS A 296 11.74 8.94 -18.91
CA CYS A 296 12.69 9.97 -19.30
C CYS A 296 13.98 9.39 -19.86
N LEU A 297 14.48 8.38 -19.16
CA LEU A 297 15.73 7.74 -19.50
C LEU A 297 15.58 7.00 -20.79
N GLN A 298 14.42 6.39 -21.05
CA GLN A 298 14.19 5.70 -22.32
C GLN A 298 14.19 6.63 -23.54
N ARG A 299 13.89 7.91 -23.32
CA ARG A 299 13.65 8.82 -24.40
C ARG A 299 14.70 9.87 -24.58
N ALA A 300 15.62 9.95 -23.63
CA ALA A 300 16.56 11.04 -23.51
C ALA A 300 17.72 10.92 -24.51
N THR A 301 18.09 12.03 -25.13
CA THR A 301 19.39 12.04 -25.81
C THR A 301 20.53 11.93 -24.78
N PRO A 302 21.78 11.70 -25.24
CA PRO A 302 22.87 11.75 -24.25
C PRO A 302 23.00 13.13 -23.57
N GLU A 303 22.70 14.21 -24.29
CA GLU A 303 22.78 15.54 -23.68
C GLU A 303 21.69 15.64 -22.60
N GLN A 304 20.57 14.96 -22.80
CA GLN A 304 19.48 14.97 -21.79
C GLN A 304 19.82 14.08 -20.59
N TYR A 305 20.36 12.88 -20.87
CA TYR A 305 20.89 11.98 -19.83
C TYR A 305 21.80 12.77 -18.87
N GLN A 306 22.62 13.67 -19.43
CA GLN A 306 23.51 14.53 -18.65
C GLN A 306 22.79 15.50 -17.71
N ILE A 307 21.73 16.14 -18.21
CA ILE A 307 20.90 17.06 -17.40
C ILE A 307 20.29 16.32 -16.22
N LEU A 308 19.99 15.06 -16.45
CA LEU A 308 19.33 14.25 -15.44
C LEU A 308 20.35 13.88 -14.42
N LYS A 309 21.55 13.54 -14.93
CA LYS A 309 22.62 13.08 -14.07
C LYS A 309 23.03 14.19 -13.08
N GLU A 310 23.03 15.41 -13.58
CA GLU A 310 23.52 16.56 -12.82
C GLU A 310 22.45 17.13 -11.86
N ASN A 311 21.19 16.84 -12.12
CA ASN A 311 20.09 17.45 -11.34
C ASN A 311 19.18 16.48 -10.56
N TYR A 312 19.14 15.21 -10.98
CA TYR A 312 18.30 14.24 -10.28
C TYR A 312 18.88 13.92 -8.93
N GLY A 313 18.02 13.81 -7.92
CA GLY A 313 18.40 13.33 -6.59
C GLY A 313 19.15 14.37 -5.80
N GLN A 314 18.78 15.65 -5.98
CA GLN A 314 19.36 16.77 -5.22
C GLN A 314 18.29 17.69 -4.66
N LYS A 315 18.65 18.32 -3.53
CA LYS A 315 17.77 19.20 -2.76
C LYS A 315 17.33 20.53 -3.44
N GLU A 316 18.19 21.19 -4.25
CA GLU A 316 17.95 22.61 -4.73
C GLU A 316 16.73 22.73 -5.65
N ALA A 317 15.87 23.74 -5.44
CA ALA A 317 14.61 23.94 -6.23
C ALA A 317 14.87 24.10 -7.72
N GLU A 318 15.82 24.97 -8.08
CA GLU A 318 16.27 25.18 -9.47
C GLU A 318 16.73 23.86 -10.13
N LYS A 319 17.34 22.97 -9.35
CA LYS A 319 17.73 21.65 -9.88
C LYS A 319 16.48 20.72 -10.18
N VAL A 320 15.48 20.77 -9.30
CA VAL A 320 14.18 20.06 -9.45
C VAL A 320 13.37 20.64 -10.61
N ALA A 321 13.48 21.94 -10.80
CA ALA A 321 12.90 22.63 -11.95
C ALA A 321 13.49 22.08 -13.27
N ARG A 322 14.80 21.88 -13.28
CA ARG A 322 15.48 21.39 -14.46
C ARG A 322 14.91 20.04 -14.89
N VAL A 323 14.73 19.14 -13.93
CA VAL A 323 14.30 17.77 -14.24
C VAL A 323 12.89 17.80 -14.75
N LYS A 324 12.05 18.54 -14.02
CA LYS A 324 10.68 18.71 -14.38
C LYS A 324 10.53 19.34 -15.77
N ALA A 325 11.36 20.35 -16.07
CA ALA A 325 11.40 20.92 -17.43
C ALA A 325 11.79 19.84 -18.42
N LEU A 326 12.78 19.02 -18.09
CA LEU A 326 13.16 17.97 -19.02
C LEU A 326 11.97 17.02 -19.26
N TYR A 327 11.27 16.67 -18.18
CA TYR A 327 10.12 15.77 -18.33
C TYR A 327 9.09 16.35 -19.30
N GLU A 328 8.76 17.63 -19.15
CA GLU A 328 7.73 18.23 -20.01
C GLU A 328 8.19 18.35 -21.47
N GLU A 329 9.49 18.52 -21.69
CA GLU A 329 10.07 18.69 -23.03
C GLU A 329 9.96 17.37 -23.77
N LEU A 330 10.12 16.27 -23.02
CA LEU A 330 9.91 14.96 -23.58
C LEU A 330 8.43 14.51 -23.58
N ASP A 331 7.49 15.41 -23.22
CA ASP A 331 6.05 15.13 -23.29
C ASP A 331 5.69 13.91 -22.46
N LEU A 332 6.21 13.85 -21.25
CA LEU A 332 5.87 12.74 -20.39
C LEU A 332 4.37 12.77 -19.96
N PRO A 333 3.77 13.96 -19.78
CA PRO A 333 2.34 13.95 -19.47
C PRO A 333 1.49 13.36 -20.59
N ALA A 334 1.87 13.62 -21.84
CA ALA A 334 1.16 13.04 -22.97
C ALA A 334 1.42 11.53 -22.99
N VAL A 335 2.63 11.09 -22.70
CA VAL A 335 2.92 9.64 -22.60
C VAL A 335 2.06 8.97 -21.52
N PHE A 336 1.98 9.62 -20.38
CA PHE A 336 1.21 9.08 -19.29
C PHE A 336 -0.27 8.95 -19.70
N LEU A 337 -0.82 9.98 -20.33
CA LEU A 337 -2.23 10.00 -20.61
C LEU A 337 -2.52 8.83 -21.56
N GLN A 338 -1.65 8.69 -22.56
CA GLN A 338 -1.76 7.57 -23.48
C GLN A 338 -1.63 6.27 -22.72
N TYR A 339 -0.66 6.22 -21.81
CA TYR A 339 -0.41 4.95 -21.11
C TYR A 339 -1.66 4.63 -20.22
N GLU A 340 -2.28 5.64 -19.62
CA GLU A 340 -3.46 5.38 -18.80
C GLU A 340 -4.62 4.78 -19.64
N GLU A 341 -4.77 5.27 -20.86
CA GLU A 341 -5.78 4.74 -21.81
C GLU A 341 -5.50 3.28 -22.19
N ASP A 342 -4.27 2.97 -22.55
CA ASP A 342 -3.96 1.63 -22.98
C ASP A 342 -4.14 0.78 -21.73
N SER A 343 -3.71 1.28 -20.60
CA SER A 343 -3.79 0.47 -19.36
C SER A 343 -5.25 0.12 -18.96
N TYR A 344 -6.13 1.11 -19.03
CA TYR A 344 -7.53 0.89 -18.71
C TYR A 344 -8.14 -0.19 -19.63
N SER A 345 -7.91 -0.12 -20.94
CA SER A 345 -8.43 -1.16 -21.85
C SER A 345 -7.90 -2.52 -21.49
N HIS A 346 -6.60 -2.62 -21.27
CA HIS A 346 -6.02 -3.86 -20.86
C HIS A 346 -6.65 -4.42 -19.56
N ILE A 347 -6.89 -3.56 -18.57
CA ILE A 347 -7.49 -4.02 -17.30
C ILE A 347 -8.88 -4.52 -17.54
N MET A 348 -9.63 -3.88 -18.42
CA MET A 348 -11.02 -4.29 -18.71
C MET A 348 -10.99 -5.66 -19.36
N ALA A 349 -10.09 -5.87 -20.34
CA ALA A 349 -9.85 -7.19 -20.93
C ALA A 349 -9.43 -8.25 -19.93
N LEU A 350 -8.59 -7.91 -18.94
CA LEU A 350 -8.22 -8.90 -17.96
C LEU A 350 -9.40 -9.28 -17.12
N ILE A 351 -10.22 -8.30 -16.78
CA ILE A 351 -11.42 -8.56 -16.00
C ILE A 351 -12.37 -9.50 -16.79
N GLU A 352 -12.55 -9.21 -18.07
CA GLU A 352 -13.38 -9.98 -18.99
C GLU A 352 -12.87 -11.40 -19.00
N GLN A 353 -11.58 -11.59 -19.11
CA GLN A 353 -11.03 -12.93 -19.20
C GLN A 353 -10.89 -13.71 -17.85
N TYR A 354 -10.54 -13.04 -16.76
CA TYR A 354 -10.14 -13.71 -15.50
C TYR A 354 -11.03 -13.50 -14.29
N ALA A 355 -12.07 -12.69 -14.38
CA ALA A 355 -12.87 -12.45 -13.18
C ALA A 355 -13.70 -13.68 -12.80
N ALA A 356 -14.32 -14.34 -13.80
CA ALA A 356 -15.23 -15.49 -13.57
C ALA A 356 -14.53 -16.56 -12.81
N PRO A 357 -15.17 -17.15 -11.82
CA PRO A 357 -16.58 -16.97 -11.44
C PRO A 357 -16.85 -15.88 -10.38
N LEU A 358 -15.86 -15.08 -10.02
CA LEU A 358 -16.14 -13.95 -9.18
C LEU A 358 -16.97 -12.91 -9.92
N PRO A 359 -17.79 -12.14 -9.17
CA PRO A 359 -18.55 -11.11 -9.82
C PRO A 359 -17.62 -9.97 -10.31
N PRO A 360 -17.81 -9.54 -11.55
CA PRO A 360 -16.87 -8.54 -12.04
C PRO A 360 -16.90 -7.27 -11.21
N ALA A 361 -18.01 -6.97 -10.55
CA ALA A 361 -18.04 -5.80 -9.67
C ALA A 361 -16.91 -5.73 -8.65
N VAL A 362 -16.36 -6.86 -8.20
CA VAL A 362 -15.25 -6.86 -7.23
C VAL A 362 -14.04 -6.13 -7.76
N PHE A 363 -13.73 -6.36 -9.04
CA PHE A 363 -12.63 -5.73 -9.69
C PHE A 363 -13.02 -4.37 -10.23
N LEU A 364 -14.25 -4.20 -10.71
CA LEU A 364 -14.61 -2.95 -11.36
C LEU A 364 -14.68 -1.82 -10.35
N GLY A 365 -15.04 -2.11 -9.11
CA GLY A 365 -15.05 -1.10 -8.06
C GLY A 365 -13.64 -0.50 -7.93
N LEU A 366 -12.61 -1.36 -8.01
CA LEU A 366 -11.24 -0.92 -7.85
C LEU A 366 -10.84 -0.14 -9.07
N ALA A 367 -11.15 -0.66 -10.26
CA ALA A 367 -10.84 0.02 -11.52
C ALA A 367 -11.41 1.46 -11.53
N ARG A 368 -12.62 1.60 -11.04
CA ARG A 368 -13.26 2.90 -11.04
C ARG A 368 -12.44 3.86 -10.14
N LYS A 369 -12.02 3.43 -8.96
CA LYS A 369 -11.26 4.31 -8.06
C LYS A 369 -9.93 4.68 -8.65
N ILE A 370 -9.30 3.75 -9.30
CA ILE A 370 -7.94 3.92 -9.74
C ILE A 370 -7.91 4.80 -11.00
N TYR A 371 -8.88 4.61 -11.91
CA TYR A 371 -8.86 5.30 -13.16
C TYR A 371 -9.73 6.57 -13.13
N LYS A 372 -10.38 6.89 -12.01
CA LYS A 372 -11.28 8.04 -11.83
C LYS A 372 -10.99 9.24 -12.71
P PO4 B . -2.34 5.96 3.63
O1 PO4 B . -1.58 6.96 4.51
O2 PO4 B . -3.79 6.32 3.16
O3 PO4 B . -2.51 4.70 4.40
O4 PO4 B . -1.49 5.56 2.39
P PO4 C . 0.40 9.63 3.54
O1 PO4 C . -0.94 10.25 3.93
O2 PO4 C . 0.44 8.02 4.05
O3 PO4 C . 1.53 10.54 4.15
O4 PO4 C . 0.65 9.73 2.03
OAE WC1 D . -3.78 6.87 0.53
PAD WC1 D . -3.62 5.58 -0.39
OAF WC1 D . -2.28 4.92 -0.22
OAG WC1 D . -4.88 4.78 -0.31
CAC WC1 D . -3.61 6.30 -2.11
PAH WC1 D . -2.07 7.29 -2.38
OAI WC1 D . -2.35 7.94 -3.87
OAK WC1 D . -2.11 8.25 -1.34
OAJ WC1 D . -0.98 6.39 -2.66
CAB WC1 D . -4.84 7.17 -2.33
CAA WC1 D . -5.50 6.82 -3.69
CAO WC1 D . -5.68 7.65 -4.73
CAT WC1 D . -5.25 9.13 -4.93
CAU WC1 D . -4.38 9.23 -6.23
CAV WC1 D . -6.42 10.02 -5.07
CAX WC1 D . -7.16 10.03 -3.72
CAW WC1 D . -5.86 11.42 -5.43
NAN WC1 D . -6.26 6.98 -5.72
CAM WC1 D . -6.50 5.72 -5.32
CAS WC1 D . -7.06 4.71 -5.99
CAR WC1 D . -7.18 3.46 -5.40
CAL WC1 D . -5.99 5.59 -4.07
CAP WC1 D . -6.12 4.39 -3.48
CAQ WC1 D . -6.71 3.29 -4.09
CAY WC1 D . -6.75 2.01 -3.47
CAZ WC1 D . -5.56 1.51 -2.89
CBA WC1 D . -5.46 0.27 -2.31
CBB WC1 D . -6.57 -0.54 -2.28
CBC WC1 D . -7.76 -0.07 -2.85
CBD WC1 D . -7.86 1.17 -3.48
C1 GOL E . -0.63 -16.97 17.32
O1 GOL E . -0.97 -16.69 15.99
C2 GOL E . -0.94 -15.85 18.27
O2 GOL E . -0.41 -16.44 19.44
C3 GOL E . -0.24 -14.58 17.86
O3 GOL E . 0.59 -13.99 18.87
#